data_7MCJ
#
_entry.id   7MCJ
#
_cell.length_a   100.850
_cell.length_b   100.850
_cell.length_c   49.690
_cell.angle_alpha   90.000
_cell.angle_beta   90.000
_cell.angle_gamma   120.000
#
_symmetry.space_group_name_H-M   'P 32'
#
loop_
_entity.id
_entity.type
_entity.pdbx_description
1 polymer 'S-adenosylmethionine-dependent methyltransferase UmaA'
2 non-polymer "N-(2,6-diethylphenyl)-N'-(N-ethylcarbamimidoyl)urea"
3 non-polymer 'NITRATE ION'
4 non-polymer 1,2-ETHANEDIOL
5 non-polymer 'MAGNESIUM ION'
6 non-polymer 'CHLORIDE ION'
7 water water
#
_entity_poly.entity_id   1
_entity_poly.type   'polypeptide(L)'
_entity_poly.pdbx_seq_one_letter_code
;MAHHHHHHMTELRPFYEESQSIYDVSDEFFSLFLDPTMAYTCAYFEREDMTLEEAQNAKFDLALDKLHLEPGMTLLDIGC
GWGGGLQRAIENYDVNVIGITLSRNQFEYSKAKLAKIPTERSVQVRLQGWDEFTDKVDRIVSIGAFEAFKMERYAAFFER
SYDILPDDGRMLLHTILTYTQKQMHEMGVKVTMSDVRFMKFIGEEIFPGGQLPAQEDIFKFAQAADFSVEKVQLLQQHYA
RTLNIWAANLEANKDRAIALQSEEIYNKYMHYLTGCEHFFRKGISNVGQFTLTK
;
_entity_poly.pdbx_strand_id   A,B
#
loop_
_chem_comp.id
_chem_comp.type
_chem_comp.name
_chem_comp.formula
CL non-polymer 'CHLORIDE ION' 'Cl -1'
EDO non-polymer 1,2-ETHANEDIOL 'C2 H6 O2'
FD7 non-polymer N-(2,6-diethylphenyl)-N'-(N-ethylcarbamimidoyl)urea 'C14 H22 N4 O'
MG non-polymer 'MAGNESIUM ION' 'Mg 2'
NO3 non-polymer 'NITRATE ION' 'N O3 -1'
#
# COMPACT_ATOMS: atom_id res chain seq x y z
N PRO A 14 -20.25 -43.97 -7.00
CA PRO A 14 -21.39 -44.86 -6.77
C PRO A 14 -21.44 -45.34 -5.33
N PHE A 15 -20.74 -44.61 -4.47
CA PHE A 15 -20.67 -44.91 -3.05
C PHE A 15 -20.26 -43.62 -2.34
N TYR A 16 -20.24 -43.68 -1.01
CA TYR A 16 -19.78 -42.58 -0.17
C TYR A 16 -18.48 -42.99 0.51
N GLU A 17 -17.48 -42.12 0.45
CA GLU A 17 -16.18 -42.45 1.00
C GLU A 17 -15.80 -41.55 2.18
N GLN A 20 -11.41 -38.42 4.61
CA GLN A 20 -10.58 -37.76 5.62
C GLN A 20 -9.58 -36.80 4.96
N SER A 21 -9.84 -35.51 5.13
CA SER A 21 -9.05 -34.44 4.52
C SER A 21 -8.39 -33.61 5.61
N ILE A 22 -7.54 -32.67 5.17
CA ILE A 22 -6.89 -31.73 6.08
C ILE A 22 -7.93 -30.90 6.84
N TYR A 23 -9.13 -30.75 6.29
CA TYR A 23 -10.16 -29.97 6.96
C TYR A 23 -10.65 -30.66 8.23
N ASP A 24 -10.58 -31.98 8.27
CA ASP A 24 -11.16 -32.75 9.37
C ASP A 24 -10.33 -32.71 10.64
N VAL A 25 -9.29 -31.88 10.74
CA VAL A 25 -8.40 -31.90 11.90
C VAL A 25 -8.97 -31.05 13.02
N SER A 26 -8.64 -31.42 14.26
CA SER A 26 -9.18 -30.71 15.41
C SER A 26 -8.42 -29.41 15.65
N ASP A 27 -8.99 -28.57 16.52
CA ASP A 27 -8.26 -27.39 16.98
C ASP A 27 -6.96 -27.79 17.66
N GLU A 28 -6.98 -28.90 18.41
CA GLU A 28 -5.74 -29.37 19.03
C GLU A 28 -4.68 -29.63 17.99
N PHE A 29 -5.07 -30.10 16.81
CA PHE A 29 -4.10 -30.33 15.75
C PHE A 29 -3.44 -29.03 15.32
N PHE A 30 -4.22 -27.97 15.14
CA PHE A 30 -3.64 -26.69 14.74
C PHE A 30 -2.68 -26.14 15.80
N SER A 31 -2.96 -26.41 17.08
CA SER A 31 -2.07 -25.90 18.12
C SER A 31 -0.71 -26.58 18.10
N LEU A 32 -0.54 -27.64 17.31
CA LEU A 32 0.76 -28.28 17.16
C LEU A 32 1.71 -27.45 16.32
N PHE A 33 1.20 -26.48 15.58
CA PHE A 33 2.10 -25.73 14.70
C PHE A 33 1.78 -24.24 14.60
N LEU A 34 0.55 -23.80 14.84
CA LEU A 34 0.33 -22.36 14.95
C LEU A 34 0.93 -21.84 16.25
N ASP A 35 1.16 -20.52 16.29
CA ASP A 35 1.65 -19.87 17.49
C ASP A 35 0.55 -19.90 18.56
N PRO A 36 0.89 -19.53 19.81
CA PRO A 36 -0.11 -19.56 20.89
C PRO A 36 -1.40 -18.81 20.62
N THR A 37 -1.39 -17.75 19.79
CA THR A 37 -2.61 -16.99 19.53
C THR A 37 -3.49 -17.62 18.46
N MET A 38 -3.04 -18.72 17.84
CA MET A 38 -3.81 -19.52 16.89
C MET A 38 -4.13 -18.75 15.61
N ALA A 39 -3.25 -17.83 15.23
CA ALA A 39 -3.39 -17.12 13.97
C ALA A 39 -3.04 -18.08 12.85
N TYR A 40 -3.94 -18.20 11.87
CA TYR A 40 -3.73 -19.05 10.71
C TYR A 40 -3.58 -18.21 9.45
N THR A 41 -3.08 -16.99 9.60
CA THR A 41 -2.93 -16.06 8.48
C THR A 41 -1.51 -15.52 8.52
N CYS A 42 -1.11 -14.89 7.43
CA CYS A 42 0.25 -14.40 7.25
C CYS A 42 0.69 -13.52 8.41
N ALA A 43 1.86 -13.84 8.98
CA ALA A 43 2.42 -12.98 10.02
C ALA A 43 3.16 -11.79 9.37
N TYR A 44 3.61 -10.85 10.20
CA TYR A 44 4.31 -9.65 9.71
C TYR A 44 5.56 -9.50 10.54
N PHE A 45 6.72 -9.86 10.00
CA PHE A 45 7.98 -9.79 10.75
C PHE A 45 8.50 -8.36 10.65
N GLU A 46 7.82 -7.48 11.39
CA GLU A 46 8.17 -6.07 11.43
C GLU A 46 9.63 -5.86 11.83
N ARG A 47 10.11 -6.62 12.80
CA ARG A 47 11.54 -6.78 13.07
C ARG A 47 11.95 -8.17 12.62
N GLU A 48 13.15 -8.31 12.07
CA GLU A 48 13.51 -9.61 11.52
C GLU A 48 13.65 -10.68 12.60
N ASP A 49 14.00 -10.32 13.83
CA ASP A 49 14.18 -11.33 14.86
C ASP A 49 12.90 -11.62 15.65
N MET A 50 11.75 -11.15 15.17
CA MET A 50 10.50 -11.41 15.89
C MET A 50 10.23 -12.91 15.92
N THR A 51 9.63 -13.36 17.02
CA THR A 51 9.10 -14.72 17.02
C THR A 51 7.84 -14.76 16.17
N LEU A 52 7.36 -15.99 15.92
CA LEU A 52 6.10 -16.12 15.19
C LEU A 52 4.96 -15.40 15.92
N GLU A 53 4.88 -15.56 17.26
CA GLU A 53 3.81 -14.89 17.99
C GLU A 53 3.95 -13.38 17.91
N GLU A 54 5.17 -12.86 18.05
CA GLU A 54 5.36 -11.41 17.95
C GLU A 54 4.96 -10.92 16.57
N ALA A 55 5.27 -11.71 15.53
CA ALA A 55 4.96 -11.27 14.18
C ALA A 55 3.48 -11.39 13.88
N GLN A 56 2.79 -12.34 14.50
CA GLN A 56 1.34 -12.39 14.34
C GLN A 56 0.69 -11.20 15.02
N ASN A 57 1.09 -10.91 16.26
CA ASN A 57 0.64 -9.69 16.90
C ASN A 57 0.93 -8.49 16.02
N ALA A 58 2.13 -8.43 15.43
CA ALA A 58 2.48 -7.27 14.62
C ALA A 58 1.59 -7.17 13.40
N LYS A 59 1.15 -8.31 12.88
CA LYS A 59 0.26 -8.29 11.71
C LYS A 59 -1.13 -7.80 12.09
N PHE A 60 -1.67 -8.25 13.24
CA PHE A 60 -2.95 -7.68 13.66
C PHE A 60 -2.82 -6.19 13.97
N ASP A 61 -1.74 -5.80 14.63
CA ASP A 61 -1.54 -4.39 14.94
C ASP A 61 -1.40 -3.56 13.67
N LEU A 62 -0.69 -4.09 12.67
CA LEU A 62 -0.57 -3.41 11.38
C LEU A 62 -1.94 -3.17 10.77
N ALA A 63 -2.81 -4.18 10.79
CA ALA A 63 -4.15 -4.04 10.24
C ALA A 63 -4.96 -3.03 11.03
N LEU A 64 -4.97 -3.16 12.36
CA LEU A 64 -5.81 -2.29 13.18
C LEU A 64 -5.37 -0.84 13.12
N ASP A 65 -4.07 -0.59 13.01
CA ASP A 65 -3.58 0.78 12.92
CA ASP A 65 -3.60 0.78 12.93
C ASP A 65 -4.11 1.49 11.69
N LYS A 66 -4.35 0.73 10.61
CA LYS A 66 -4.82 1.34 9.39
C LYS A 66 -6.28 1.78 9.46
N LEU A 67 -6.99 1.41 10.52
CA LEU A 67 -8.41 1.72 10.64
C LEU A 67 -8.68 3.05 11.33
N HIS A 68 -7.65 3.66 11.93
CA HIS A 68 -7.83 4.95 12.58
C HIS A 68 -8.96 4.89 13.60
N LEU A 69 -8.91 3.84 14.43
CA LEU A 69 -9.90 3.64 15.48
C LEU A 69 -9.81 4.76 16.52
N GLU A 70 -10.95 5.29 16.89
CA GLU A 70 -11.07 6.24 17.97
C GLU A 70 -11.86 5.65 19.14
N PRO A 71 -11.61 6.10 20.36
CA PRO A 71 -12.31 5.53 21.51
C PRO A 71 -13.81 5.58 21.31
N GLY A 72 -14.48 4.48 21.63
CA GLY A 72 -15.92 4.44 21.56
C GLY A 72 -16.49 3.94 20.25
N MET A 73 -15.67 3.83 19.20
CA MET A 73 -16.15 3.25 17.97
C MET A 73 -16.40 1.76 18.15
N THR A 74 -17.17 1.20 17.22
CA THR A 74 -17.38 -0.24 17.16
C THR A 74 -16.64 -0.80 15.95
N LEU A 75 -15.88 -1.86 16.19
CA LEU A 75 -15.10 -2.57 15.18
C LEU A 75 -15.71 -3.94 14.90
N LEU A 76 -15.94 -4.25 13.62
CA LEU A 76 -16.38 -5.57 13.20
C LEU A 76 -15.22 -6.37 12.60
N ASP A 77 -15.05 -7.62 13.05
CA ASP A 77 -14.09 -8.55 12.47
C ASP A 77 -14.87 -9.63 11.73
N ILE A 78 -14.82 -9.60 10.40
CA ILE A 78 -15.51 -10.56 9.55
C ILE A 78 -14.61 -11.77 9.38
N GLY A 79 -14.97 -12.89 10.02
CA GLY A 79 -14.17 -14.09 9.97
C GLY A 79 -13.09 -14.08 11.03
N CYS A 80 -13.49 -13.98 12.30
CA CYS A 80 -12.57 -13.67 13.40
C CYS A 80 -11.67 -14.82 13.80
N GLY A 81 -11.83 -15.99 13.19
CA GLY A 81 -10.87 -17.05 13.46
C GLY A 81 -10.86 -17.41 14.92
N TRP A 82 -9.69 -17.79 15.42
CA TRP A 82 -9.54 -18.13 16.83
C TRP A 82 -9.32 -16.91 17.72
N GLY A 83 -9.66 -15.72 17.22
CA GLY A 83 -9.90 -14.57 18.06
C GLY A 83 -8.72 -13.66 18.32
N GLY A 84 -7.54 -13.96 17.77
CA GLY A 84 -6.36 -13.15 18.06
C GLY A 84 -6.46 -11.72 17.59
N GLY A 85 -7.15 -11.48 16.48
CA GLY A 85 -7.28 -10.12 15.99
C GLY A 85 -8.10 -9.26 16.93
N LEU A 86 -9.23 -9.78 17.40
CA LEU A 86 -10.03 -9.04 18.37
C LEU A 86 -9.35 -8.96 19.73
N GLN A 87 -8.51 -9.93 20.08
CA GLN A 87 -7.76 -9.77 21.32
C GLN A 87 -6.88 -8.52 21.25
N ARG A 88 -6.19 -8.32 20.13
CA ARG A 88 -5.33 -7.14 20.02
C ARG A 88 -6.18 -5.86 20.01
N ALA A 89 -7.36 -5.91 19.40
CA ALA A 89 -8.21 -4.73 19.36
C ALA A 89 -8.74 -4.37 20.73
N ILE A 90 -9.12 -5.36 21.53
CA ILE A 90 -9.66 -5.06 22.86
C ILE A 90 -8.55 -4.55 23.76
N GLU A 91 -7.37 -5.14 23.64
CA GLU A 91 -6.25 -4.79 24.51
C GLU A 91 -5.68 -3.41 24.19
N ASN A 92 -5.59 -3.05 22.91
CA ASN A 92 -4.83 -1.88 22.49
C ASN A 92 -5.70 -0.71 22.09
N TYR A 93 -7.01 -0.88 22.00
CA TYR A 93 -7.91 0.21 21.65
C TYR A 93 -9.10 0.19 22.58
N ASP A 94 -9.65 1.37 22.79
CA ASP A 94 -10.81 1.51 23.66
C ASP A 94 -12.07 1.48 22.80
N VAL A 95 -12.31 0.30 22.19
CA VAL A 95 -13.39 0.18 21.22
C VAL A 95 -14.31 -0.98 21.58
N ASN A 96 -15.57 -0.85 21.19
CA ASN A 96 -16.48 -2.00 21.17
C ASN A 96 -16.10 -2.89 20.00
N VAL A 97 -16.23 -4.20 20.18
CA VAL A 97 -15.93 -5.11 19.08
C VAL A 97 -17.10 -6.05 18.87
N ILE A 98 -17.28 -6.45 17.62
CA ILE A 98 -18.13 -7.57 17.23
C ILE A 98 -17.29 -8.46 16.34
N GLY A 99 -17.24 -9.75 16.66
CA GLY A 99 -16.59 -10.73 15.80
C GLY A 99 -17.62 -11.71 15.28
N ILE A 100 -17.56 -11.99 13.98
CA ILE A 100 -18.44 -13.01 13.41
C ILE A 100 -17.62 -14.10 12.73
N THR A 101 -18.15 -15.32 12.80
CA THR A 101 -17.53 -16.47 12.15
C THR A 101 -18.61 -17.51 11.90
N LEU A 102 -18.37 -18.36 10.92
CA LEU A 102 -19.27 -19.47 10.63
C LEU A 102 -18.77 -20.80 11.15
N SER A 103 -17.59 -20.82 11.79
CA SER A 103 -17.05 -22.03 12.39
C SER A 103 -17.52 -22.15 13.82
N ARG A 104 -18.18 -23.27 14.16
CA ARG A 104 -18.62 -23.41 15.54
C ARG A 104 -17.44 -23.53 16.49
N ASN A 105 -16.39 -24.28 16.11
CA ASN A 105 -15.22 -24.42 16.96
C ASN A 105 -14.59 -23.05 17.23
N GLN A 106 -14.37 -22.29 16.16
CA GLN A 106 -13.77 -20.97 16.32
C GLN A 106 -14.70 -20.04 17.06
N PHE A 107 -16.01 -20.18 16.88
CA PHE A 107 -16.97 -19.36 17.61
C PHE A 107 -16.85 -19.59 19.10
N GLU A 108 -16.87 -20.86 19.53
CA GLU A 108 -16.78 -21.18 20.95
C GLU A 108 -15.40 -20.79 21.49
N TYR A 109 -14.34 -21.09 20.74
CA TYR A 109 -12.99 -20.75 21.18
C TYR A 109 -12.84 -19.24 21.37
N SER A 110 -13.25 -18.45 20.37
CA SER A 110 -13.06 -17.01 20.43
C SER A 110 -13.92 -16.38 21.52
N LYS A 111 -15.16 -16.86 21.66
CA LYS A 111 -16.03 -16.30 22.69
C LYS A 111 -15.41 -16.49 24.07
N ALA A 112 -14.86 -17.68 24.31
CA ALA A 112 -14.26 -17.98 25.61
C ALA A 112 -12.92 -17.27 25.78
N LYS A 113 -12.12 -17.22 24.71
CA LYS A 113 -10.86 -16.48 24.79
C LYS A 113 -11.11 -15.01 25.10
N LEU A 114 -12.04 -14.40 24.39
CA LEU A 114 -12.25 -12.96 24.55
C LEU A 114 -12.94 -12.62 25.85
N ALA A 115 -13.71 -13.56 26.42
CA ALA A 115 -14.40 -13.25 27.67
C ALA A 115 -13.43 -12.98 28.81
N LYS A 116 -12.20 -13.50 28.72
CA LYS A 116 -11.24 -13.36 29.81
C LYS A 116 -10.47 -12.04 29.78
N ILE A 117 -10.72 -11.17 28.79
CA ILE A 117 -9.94 -9.95 28.60
C ILE A 117 -10.67 -8.79 29.26
N PRO A 118 -10.04 -8.04 30.17
CA PRO A 118 -10.73 -6.90 30.79
C PRO A 118 -11.04 -5.83 29.75
N THR A 119 -12.22 -5.24 29.86
CA THR A 119 -12.65 -4.25 28.90
C THR A 119 -13.70 -3.34 29.54
N GLU A 120 -13.75 -2.10 29.06
CA GLU A 120 -14.80 -1.17 29.44
C GLU A 120 -15.78 -0.94 28.30
N ARG A 121 -15.74 -1.77 27.26
CA ARG A 121 -16.61 -1.64 26.11
C ARG A 121 -17.40 -2.93 25.93
N SER A 122 -18.20 -2.94 24.86
CA SER A 122 -18.98 -4.11 24.49
C SER A 122 -18.14 -5.09 23.67
N VAL A 123 -18.36 -6.38 23.92
CA VAL A 123 -17.66 -7.46 23.23
C VAL A 123 -18.67 -8.53 22.84
N GLN A 124 -18.82 -8.77 21.53
CA GLN A 124 -19.75 -9.77 21.03
C GLN A 124 -19.07 -10.67 20.02
N VAL A 125 -19.25 -11.98 20.18
CA VAL A 125 -18.85 -12.97 19.20
C VAL A 125 -20.10 -13.70 18.74
N ARG A 126 -20.25 -13.86 17.43
CA ARG A 126 -21.45 -14.45 16.86
C ARG A 126 -21.11 -15.54 15.87
N LEU A 127 -21.98 -16.55 15.83
CA LEU A 127 -21.93 -17.54 14.75
C LEU A 127 -22.83 -17.00 13.65
N GLN A 128 -22.22 -16.30 12.70
CA GLN A 128 -22.97 -15.52 11.72
C GLN A 128 -22.09 -15.24 10.51
N GLY A 129 -22.70 -15.28 9.32
CA GLY A 129 -21.99 -14.90 8.12
C GLY A 129 -22.17 -13.43 7.78
N TRP A 130 -21.32 -12.92 6.90
CA TRP A 130 -21.40 -11.49 6.58
C TRP A 130 -22.69 -11.15 5.86
N ASP A 131 -23.25 -12.11 5.11
CA ASP A 131 -24.46 -11.77 4.36
C ASP A 131 -25.67 -11.63 5.26
N GLU A 132 -25.56 -11.99 6.53
CA GLU A 132 -26.60 -11.80 7.52
C GLU A 132 -26.42 -10.54 8.37
N PHE A 133 -25.27 -9.90 8.30
CA PHE A 133 -24.89 -8.91 9.30
C PHE A 133 -25.49 -7.55 8.98
N THR A 134 -26.22 -6.97 9.94
CA THR A 134 -26.96 -5.73 9.72
C THR A 134 -26.60 -4.60 10.67
N ASP A 135 -25.80 -4.85 11.70
CA ASP A 135 -25.44 -3.81 12.65
C ASP A 135 -24.62 -2.72 11.95
N LYS A 136 -24.79 -1.49 12.43
CA LYS A 136 -23.94 -0.39 11.99
CA LYS A 136 -23.93 -0.40 11.99
C LYS A 136 -22.63 -0.45 12.76
N VAL A 137 -21.51 -0.38 12.05
CA VAL A 137 -20.21 -0.45 12.68
C VAL A 137 -19.36 0.68 12.13
N ASP A 138 -18.35 1.11 12.90
CA ASP A 138 -17.53 2.25 12.48
C ASP A 138 -16.38 1.84 11.57
N ARG A 139 -15.82 0.65 11.81
CA ARG A 139 -14.67 0.17 11.08
C ARG A 139 -14.81 -1.34 10.94
N ILE A 140 -14.19 -1.89 9.89
CA ILE A 140 -14.25 -3.33 9.61
C ILE A 140 -12.83 -3.83 9.38
N VAL A 141 -12.50 -4.96 9.98
CA VAL A 141 -11.28 -5.68 9.64
C VAL A 141 -11.69 -7.07 9.17
N SER A 142 -11.02 -7.56 8.12
CA SER A 142 -11.27 -8.92 7.63
C SER A 142 -9.94 -9.54 7.19
N ILE A 143 -9.42 -10.43 8.00
CA ILE A 143 -8.10 -11.01 7.78
C ILE A 143 -8.27 -12.49 7.47
N GLY A 144 -8.06 -12.87 6.21
CA GLY A 144 -8.05 -14.29 5.90
C GLY A 144 -9.42 -14.95 5.80
N ALA A 145 -10.48 -14.17 5.65
CA ALA A 145 -11.81 -14.71 5.41
C ALA A 145 -12.19 -14.69 3.93
N PHE A 146 -11.65 -13.73 3.19
CA PHE A 146 -12.08 -13.48 1.81
C PHE A 146 -11.77 -14.64 0.89
N GLU A 147 -10.70 -15.39 1.18
CA GLU A 147 -10.30 -16.49 0.30
C GLU A 147 -11.40 -17.51 0.11
N ALA A 148 -12.29 -17.64 1.08
CA ALA A 148 -13.36 -18.64 1.01
C ALA A 148 -14.60 -18.13 0.29
N PHE A 149 -14.63 -16.86 -0.11
CA PHE A 149 -15.78 -16.31 -0.82
C PHE A 149 -15.68 -16.70 -2.30
N LYS A 150 -16.83 -16.95 -2.92
CA LYS A 150 -16.87 -17.13 -4.36
C LYS A 150 -16.92 -15.77 -5.03
N MET A 151 -16.29 -15.68 -6.21
CA MET A 151 -16.26 -14.39 -6.91
C MET A 151 -17.67 -13.91 -7.22
N GLU A 152 -18.62 -14.83 -7.45
CA GLU A 152 -20.01 -14.43 -7.64
C GLU A 152 -20.60 -13.78 -6.40
N ARG A 153 -19.91 -13.83 -5.25
CA ARG A 153 -20.33 -13.15 -4.03
C ARG A 153 -19.53 -11.88 -3.74
N TYR A 154 -18.51 -11.58 -4.54
CA TYR A 154 -17.65 -10.43 -4.25
C TYR A 154 -18.47 -9.14 -4.19
N ALA A 155 -19.30 -8.90 -5.19
CA ALA A 155 -20.02 -7.62 -5.27
C ALA A 155 -20.87 -7.40 -4.04
N ALA A 156 -21.62 -8.42 -3.61
CA ALA A 156 -22.49 -8.27 -2.46
C ALA A 156 -21.69 -8.06 -1.17
N PHE A 157 -20.51 -8.66 -1.10
CA PHE A 157 -19.68 -8.49 0.09
C PHE A 157 -19.27 -7.05 0.27
N PHE A 158 -18.74 -6.43 -0.78
CA PHE A 158 -18.31 -5.04 -0.70
C PHE A 158 -19.49 -4.10 -0.54
N GLU A 159 -20.65 -4.46 -1.07
CA GLU A 159 -21.82 -3.61 -0.90
C GLU A 159 -22.29 -3.63 0.55
N ARG A 160 -22.38 -4.84 1.14
CA ARG A 160 -22.79 -4.96 2.54
C ARG A 160 -21.81 -4.23 3.45
N SER A 161 -20.52 -4.38 3.19
CA SER A 161 -19.51 -3.69 4.00
C SER A 161 -19.68 -2.18 3.88
N TYR A 162 -19.83 -1.70 2.64
CA TYR A 162 -20.02 -0.28 2.42
C TYR A 162 -21.25 0.26 3.14
N ASP A 163 -22.35 -0.49 3.14
CA ASP A 163 -23.60 0.04 3.70
C ASP A 163 -23.57 0.10 5.23
N ILE A 164 -22.87 -0.83 5.89
CA ILE A 164 -22.89 -0.82 7.36
C ILE A 164 -21.91 0.17 7.96
N LEU A 165 -21.03 0.77 7.15
CA LEU A 165 -20.05 1.75 7.57
C LEU A 165 -20.63 3.17 7.55
N PRO A 166 -20.11 4.08 8.37
CA PRO A 166 -20.55 5.47 8.29
C PRO A 166 -19.85 6.21 7.17
N ASP A 167 -19.96 7.54 7.16
CA ASP A 167 -19.46 8.33 6.03
C ASP A 167 -17.94 8.41 6.00
N ASP A 168 -17.28 8.27 7.15
CA ASP A 168 -15.83 8.20 7.20
C ASP A 168 -15.34 6.77 7.36
N GLY A 169 -16.18 5.79 7.02
CA GLY A 169 -15.86 4.41 7.34
C GLY A 169 -14.58 3.96 6.67
N ARG A 170 -13.84 3.11 7.39
CA ARG A 170 -12.64 2.49 6.86
C ARG A 170 -12.73 0.99 7.03
N MET A 171 -12.11 0.27 6.11
CA MET A 171 -12.09 -1.18 6.16
C MET A 171 -10.71 -1.68 5.76
N LEU A 172 -10.24 -2.73 6.43
CA LEU A 172 -8.96 -3.33 6.10
C LEU A 172 -9.24 -4.77 5.69
N LEU A 173 -8.98 -5.08 4.42
CA LEU A 173 -9.22 -6.39 3.84
C LEU A 173 -7.88 -7.04 3.57
N HIS A 174 -7.62 -8.19 4.20
CA HIS A 174 -6.35 -8.90 4.12
C HIS A 174 -6.62 -10.24 3.45
N THR A 175 -5.99 -10.49 2.29
CA THR A 175 -6.33 -11.72 1.59
C THR A 175 -5.17 -12.17 0.71
N ILE A 176 -5.02 -13.50 0.61
CA ILE A 176 -4.10 -14.10 -0.35
C ILE A 176 -4.52 -13.68 -1.76
N LEU A 177 -3.53 -13.56 -2.64
CA LEU A 177 -3.74 -13.08 -3.99
C LEU A 177 -3.03 -13.99 -4.98
N THR A 178 -3.56 -14.06 -6.19
CA THR A 178 -2.91 -14.78 -7.27
C THR A 178 -2.58 -13.83 -8.42
N TYR A 179 -1.73 -14.29 -9.31
CA TYR A 179 -1.30 -13.55 -10.48
C TYR A 179 -1.92 -14.14 -11.74
N THR A 180 -2.03 -13.32 -12.78
CA THR A 180 -2.41 -13.86 -14.08
C THR A 180 -1.22 -14.56 -14.72
N GLN A 181 -1.51 -15.34 -15.76
CA GLN A 181 -0.44 -16.01 -16.49
C GLN A 181 0.49 -14.99 -17.15
N LYS A 182 -0.08 -13.91 -17.70
CA LYS A 182 0.73 -12.87 -18.29
C LYS A 182 1.64 -12.23 -17.24
N GLN A 183 1.09 -11.95 -16.06
CA GLN A 183 1.89 -11.33 -15.01
C GLN A 183 3.05 -12.25 -14.62
N MET A 184 2.74 -13.53 -14.38
CA MET A 184 3.81 -14.46 -14.04
C MET A 184 4.85 -14.55 -15.15
N HIS A 185 4.42 -14.39 -16.41
CA HIS A 185 5.35 -14.37 -17.52
C HIS A 185 6.29 -13.18 -17.41
N GLU A 186 5.73 -11.97 -17.35
CA GLU A 186 6.55 -10.76 -17.32
C GLU A 186 7.45 -10.74 -16.09
N MET A 187 6.95 -11.21 -14.95
CA MET A 187 7.70 -11.17 -13.71
C MET A 187 8.88 -12.13 -13.67
N GLY A 188 9.01 -13.01 -14.65
CA GLY A 188 10.05 -14.01 -14.61
C GLY A 188 9.71 -15.25 -13.80
N VAL A 189 8.45 -15.43 -13.45
CA VAL A 189 8.01 -16.56 -12.65
C VAL A 189 7.64 -17.71 -13.59
N LYS A 190 8.48 -18.74 -13.65
CA LYS A 190 8.27 -19.87 -14.54
C LYS A 190 7.67 -21.03 -13.73
N VAL A 191 6.46 -21.43 -14.10
CA VAL A 191 5.68 -22.39 -13.35
C VAL A 191 6.01 -23.80 -13.83
N THR A 192 6.59 -24.62 -12.95
CA THR A 192 7.03 -25.94 -13.33
C THR A 192 5.90 -26.95 -13.24
N MET A 193 6.18 -28.18 -13.64
CA MET A 193 5.17 -29.23 -13.57
C MET A 193 4.82 -29.56 -12.11
N SER A 194 5.83 -29.60 -11.24
CA SER A 194 5.54 -29.80 -9.82
C SER A 194 4.67 -28.68 -9.26
N ASP A 195 4.78 -27.46 -9.81
CA ASP A 195 3.87 -26.40 -9.42
C ASP A 195 2.45 -26.68 -9.90
N VAL A 196 2.30 -27.24 -11.11
CA VAL A 196 0.98 -27.57 -11.60
C VAL A 196 0.42 -28.78 -10.86
N ARG A 197 1.28 -29.77 -10.56
CA ARG A 197 0.85 -30.87 -9.71
C ARG A 197 0.35 -30.36 -8.37
N PHE A 198 1.02 -29.35 -7.81
CA PHE A 198 0.62 -28.84 -6.51
C PHE A 198 -0.69 -28.07 -6.60
N MET A 199 -0.90 -27.32 -7.67
CA MET A 199 -2.16 -26.60 -7.81
C MET A 199 -3.31 -27.58 -7.95
N LYS A 200 -3.09 -28.72 -8.58
CA LYS A 200 -4.12 -29.76 -8.62
C LYS A 200 -4.36 -30.35 -7.24
N PHE A 201 -3.28 -30.62 -6.49
CA PHE A 201 -3.41 -31.10 -5.12
C PHE A 201 -4.29 -30.17 -4.29
N ILE A 202 -4.09 -28.85 -4.44
CA ILE A 202 -4.92 -27.89 -3.73
C ILE A 202 -6.38 -28.02 -4.12
N GLY A 203 -6.65 -28.37 -5.38
CA GLY A 203 -8.03 -28.58 -5.80
C GLY A 203 -8.69 -29.70 -5.04
N GLU A 204 -8.04 -30.88 -5.02
CA GLU A 204 -8.63 -32.08 -4.44
C GLU A 204 -8.60 -32.12 -2.92
N GLU A 205 -7.90 -31.18 -2.26
CA GLU A 205 -7.83 -31.15 -0.80
C GLU A 205 -8.33 -29.86 -0.18
N ILE A 206 -8.21 -28.72 -0.86
CA ILE A 206 -8.74 -27.46 -0.36
C ILE A 206 -10.03 -27.10 -1.06
N GLY A 210 -11.57 -22.37 -3.64
CA GLY A 210 -11.89 -22.67 -5.02
C GLY A 210 -11.54 -21.54 -5.96
N GLN A 211 -11.44 -20.32 -5.41
CA GLN A 211 -11.21 -19.14 -6.23
C GLN A 211 -10.45 -18.10 -5.41
N LEU A 212 -9.34 -17.62 -5.96
CA LEU A 212 -8.54 -16.58 -5.32
C LEU A 212 -8.52 -15.32 -6.19
N PRO A 213 -8.64 -14.15 -5.59
CA PRO A 213 -8.61 -12.92 -6.38
C PRO A 213 -7.20 -12.52 -6.72
N ALA A 214 -7.07 -11.81 -7.84
CA ALA A 214 -5.87 -11.06 -8.12
C ALA A 214 -5.98 -9.69 -7.49
N GLN A 215 -4.84 -9.00 -7.37
CA GLN A 215 -4.86 -7.64 -6.84
C GLN A 215 -5.89 -6.78 -7.56
N GLU A 216 -5.86 -6.78 -8.90
CA GLU A 216 -6.76 -5.94 -9.68
C GLU A 216 -8.23 -6.25 -9.42
N ASP A 217 -8.55 -7.49 -9.01
CA ASP A 217 -9.93 -7.84 -8.69
C ASP A 217 -10.43 -7.09 -7.47
N ILE A 218 -9.61 -7.01 -6.42
CA ILE A 218 -10.02 -6.28 -5.23
C ILE A 218 -10.29 -4.83 -5.60
N PHE A 219 -9.37 -4.22 -6.37
CA PHE A 219 -9.59 -2.87 -6.86
C PHE A 219 -10.93 -2.76 -7.58
N LYS A 220 -11.17 -3.67 -8.53
CA LYS A 220 -12.38 -3.57 -9.34
C LYS A 220 -13.64 -3.62 -8.48
N PHE A 221 -13.74 -4.64 -7.63
CA PHE A 221 -14.98 -4.86 -6.89
C PHE A 221 -15.16 -3.87 -5.75
N ALA A 222 -14.07 -3.47 -5.09
CA ALA A 222 -14.18 -2.45 -4.05
C ALA A 222 -14.51 -1.09 -4.65
N GLN A 223 -13.85 -0.72 -5.75
CA GLN A 223 -14.14 0.58 -6.36
C GLN A 223 -15.48 0.59 -7.07
N ALA A 224 -16.00 -0.58 -7.45
CA ALA A 224 -17.35 -0.64 -7.97
C ALA A 224 -18.40 -0.40 -6.88
N ALA A 225 -18.09 -0.74 -5.62
CA ALA A 225 -18.98 -0.49 -4.51
C ALA A 225 -18.73 0.88 -3.85
N ASP A 226 -18.07 1.79 -4.55
CA ASP A 226 -17.80 3.16 -4.12
C ASP A 226 -16.78 3.26 -2.99
N PHE A 227 -16.10 2.17 -2.65
CA PHE A 227 -14.89 2.28 -1.84
C PHE A 227 -13.79 2.94 -2.65
N SER A 228 -12.88 3.61 -1.96
CA SER A 228 -11.59 4.02 -2.51
C SER A 228 -10.50 3.14 -1.93
N VAL A 229 -9.56 2.73 -2.77
CA VAL A 229 -8.41 1.96 -2.31
C VAL A 229 -7.30 2.96 -1.99
N GLU A 230 -7.00 3.11 -0.70
CA GLU A 230 -5.96 4.07 -0.34
C GLU A 230 -4.58 3.42 -0.20
N LYS A 231 -4.51 2.10 -0.02
CA LYS A 231 -3.23 1.46 0.19
C LYS A 231 -3.36 -0.04 -0.08
N VAL A 232 -2.39 -0.62 -0.76
CA VAL A 232 -2.23 -2.07 -0.78
C VAL A 232 -0.82 -2.37 -0.28
N GLN A 233 -0.72 -3.27 0.70
CA GLN A 233 0.55 -3.66 1.26
C GLN A 233 0.71 -5.16 1.06
N LEU A 234 1.80 -5.56 0.42
CA LEU A 234 2.02 -6.94 0.03
C LEU A 234 3.07 -7.57 0.93
N LEU A 235 2.77 -8.78 1.44
CA LEU A 235 3.59 -9.42 2.47
C LEU A 235 4.13 -10.77 2.01
N GLN A 236 4.36 -10.92 0.70
CA GLN A 236 4.77 -12.18 0.09
C GLN A 236 5.79 -12.96 0.90
N GLN A 237 6.94 -12.33 1.21
CA GLN A 237 7.98 -13.07 1.89
C GLN A 237 7.70 -13.25 3.37
N HIS A 238 6.81 -12.45 3.95
CA HIS A 238 6.40 -12.73 5.32
C HIS A 238 5.62 -14.02 5.37
N TYR A 239 4.81 -14.32 4.34
CA TYR A 239 4.07 -15.58 4.35
C TYR A 239 5.00 -16.75 4.13
N ALA A 240 6.03 -16.59 3.30
CA ALA A 240 6.98 -17.66 3.14
C ALA A 240 7.59 -18.01 4.49
N ARG A 241 7.95 -17.00 5.28
CA ARG A 241 8.53 -17.25 6.58
C ARG A 241 7.51 -17.84 7.54
N THR A 242 6.27 -17.32 7.50
CA THR A 242 5.20 -17.87 8.33
C THR A 242 5.02 -19.37 8.06
N LEU A 243 4.92 -19.74 6.79
CA LEU A 243 4.71 -21.14 6.45
C LEU A 243 5.92 -22.00 6.82
N ASN A 244 7.12 -21.45 6.66
CA ASN A 244 8.33 -22.16 7.06
C ASN A 244 8.29 -22.51 8.53
N ILE A 245 7.88 -21.56 9.36
CA ILE A 245 7.85 -21.81 10.80
C ILE A 245 6.76 -22.80 11.15
N TRP A 246 5.58 -22.64 10.55
CA TRP A 246 4.48 -23.61 10.76
C TRP A 246 4.94 -25.02 10.44
N ALA A 247 5.64 -25.19 9.32
CA ALA A 247 6.10 -26.52 8.94
C ALA A 247 7.15 -27.07 9.90
N ALA A 248 8.06 -26.22 10.37
CA ALA A 248 9.05 -26.68 11.32
C ALA A 248 8.39 -27.09 12.63
N ASN A 249 7.38 -26.35 13.05
CA ASN A 249 6.65 -26.69 14.26
C ASN A 249 5.94 -28.02 14.12
N LEU A 250 5.23 -28.21 13.01
CA LEU A 250 4.49 -29.45 12.81
C LEU A 250 5.45 -30.64 12.77
N GLU A 251 6.59 -30.49 12.12
CA GLU A 251 7.59 -31.56 12.08
C GLU A 251 8.11 -31.86 13.48
N ALA A 252 8.42 -30.81 14.25
CA ALA A 252 8.77 -30.99 15.66
C ALA A 252 7.70 -31.80 16.40
N ASN A 253 6.43 -31.62 16.03
CA ASN A 253 5.31 -32.28 16.70
C ASN A 253 4.74 -33.43 15.87
N LYS A 254 5.58 -34.06 15.04
CA LYS A 254 5.10 -35.06 14.09
C LYS A 254 4.43 -36.22 14.80
N ASP A 255 5.09 -36.78 15.82
CA ASP A 255 4.54 -37.96 16.48
C ASP A 255 3.17 -37.67 17.07
N ARG A 256 2.99 -36.49 17.66
CA ARG A 256 1.69 -36.11 18.20
C ARG A 256 0.67 -35.90 17.08
N ALA A 257 1.09 -35.23 15.99
CA ALA A 257 0.19 -35.05 14.85
C ALA A 257 -0.27 -36.39 14.30
N ILE A 258 0.65 -37.35 14.20
CA ILE A 258 0.27 -38.65 13.67
C ILE A 258 -0.63 -39.36 14.65
N ALA A 259 -0.44 -39.12 15.95
CA ALA A 259 -1.26 -39.75 16.97
C ALA A 259 -2.69 -39.23 16.94
N LEU A 260 -2.85 -37.91 16.89
CA LEU A 260 -4.17 -37.31 16.76
C LEU A 260 -4.83 -37.69 15.45
N GLN A 261 -4.06 -37.72 14.36
CA GLN A 261 -4.63 -37.99 13.05
C GLN A 261 -4.01 -39.25 12.46
N SER A 262 -3.12 -39.09 11.48
CA SER A 262 -2.47 -40.22 10.82
C SER A 262 -1.18 -39.74 10.19
N GLU A 263 -0.32 -40.68 9.83
CA GLU A 263 0.82 -40.28 9.02
C GLU A 263 0.38 -39.72 7.68
N GLU A 264 -0.73 -40.24 7.12
CA GLU A 264 -1.29 -39.66 5.90
C GLU A 264 -1.57 -38.18 6.08
N ILE A 265 -2.31 -37.84 7.13
CA ILE A 265 -2.70 -36.44 7.34
C ILE A 265 -1.48 -35.60 7.64
N TYR A 266 -0.54 -36.13 8.44
CA TYR A 266 0.69 -35.38 8.72
C TYR A 266 1.43 -35.06 7.44
N ASN A 267 1.55 -36.05 6.54
CA ASN A 267 2.25 -35.83 5.28
C ASN A 267 1.51 -34.84 4.39
N LYS A 268 0.18 -34.94 4.32
CA LYS A 268 -0.58 -33.99 3.52
C LYS A 268 -0.40 -32.57 4.04
N TYR A 269 -0.50 -32.38 5.35
CA TYR A 269 -0.35 -31.03 5.87
C TYR A 269 1.07 -30.51 5.65
N MET A 270 2.08 -31.36 5.85
CA MET A 270 3.46 -30.92 5.61
C MET A 270 3.68 -30.60 4.14
N HIS A 271 3.17 -31.45 3.26
CA HIS A 271 3.21 -31.18 1.83
C HIS A 271 2.57 -29.85 1.51
N TYR A 272 1.40 -29.59 2.10
CA TYR A 272 0.65 -28.38 1.83
C TYR A 272 1.38 -27.15 2.35
N LEU A 273 1.89 -27.21 3.59
CA LEU A 273 2.62 -26.05 4.13
C LEU A 273 3.86 -25.75 3.33
N THR A 274 4.68 -26.77 3.05
CA THR A 274 5.95 -26.54 2.35
C THR A 274 5.72 -26.20 0.89
N GLY A 275 4.66 -26.73 0.27
CA GLY A 275 4.36 -26.34 -1.09
C GLY A 275 3.90 -24.90 -1.17
N CYS A 276 3.03 -24.49 -0.24
CA CYS A 276 2.61 -23.10 -0.22
C CYS A 276 3.79 -22.18 0.07
N GLU A 277 4.69 -22.60 0.97
CA GLU A 277 5.91 -21.82 1.20
C GLU A 277 6.66 -21.58 -0.10
N HIS A 278 6.85 -22.65 -0.86
CA HIS A 278 7.55 -22.54 -2.14
C HIS A 278 6.85 -21.57 -3.09
N PHE A 279 5.51 -21.59 -3.10
CA PHE A 279 4.80 -20.71 -4.02
C PHE A 279 5.05 -19.24 -3.68
N PHE A 280 5.02 -18.89 -2.40
CA PHE A 280 5.29 -17.51 -2.04
C PHE A 280 6.74 -17.15 -2.30
N ARG A 281 7.65 -18.07 -2.00
CA ARG A 281 9.06 -17.74 -2.13
C ARG A 281 9.44 -17.52 -3.59
N LYS A 282 8.93 -18.36 -4.50
CA LYS A 282 9.28 -18.24 -5.91
C LYS A 282 8.49 -17.17 -6.64
N GLY A 283 7.41 -16.64 -6.06
CA GLY A 283 6.67 -15.56 -6.68
C GLY A 283 5.33 -15.94 -7.29
N ILE A 284 4.87 -17.18 -7.12
CA ILE A 284 3.59 -17.57 -7.70
C ILE A 284 2.43 -16.94 -6.96
N SER A 285 2.55 -16.76 -5.65
CA SER A 285 1.48 -16.26 -4.81
C SER A 285 1.92 -15.01 -4.06
N ASN A 286 0.95 -14.21 -3.65
CA ASN A 286 1.23 -13.07 -2.79
C ASN A 286 0.11 -12.98 -1.77
N VAL A 287 0.12 -11.92 -0.97
CA VAL A 287 -0.88 -11.70 0.07
C VAL A 287 -0.89 -10.20 0.29
N GLY A 288 -2.07 -9.58 0.30
CA GLY A 288 -2.16 -8.14 0.41
C GLY A 288 -3.13 -7.66 1.47
N GLN A 289 -2.78 -6.55 2.12
CA GLN A 289 -3.70 -5.80 2.96
C GLN A 289 -4.18 -4.58 2.19
N PHE A 290 -5.50 -4.46 2.04
CA PHE A 290 -6.13 -3.38 1.27
C PHE A 290 -6.85 -2.44 2.23
N THR A 291 -6.41 -1.18 2.29
CA THR A 291 -7.14 -0.17 3.03
C THR A 291 -8.19 0.45 2.12
N LEU A 292 -9.46 0.29 2.51
CA LEU A 292 -10.60 0.80 1.75
C LEU A 292 -11.28 1.90 2.55
N THR A 293 -11.60 3.01 1.90
CA THR A 293 -12.26 4.12 2.56
C THR A 293 -13.53 4.49 1.81
N LYS A 294 -14.42 5.16 2.53
CA LYS A 294 -15.75 5.50 2.06
C LYS A 294 -15.88 7.01 1.99
N SER B 21 5.95 31.77 -22.04
CA SER B 21 5.22 30.52 -21.94
C SER B 21 5.31 29.93 -20.53
N ILE B 22 4.74 28.74 -20.35
CA ILE B 22 4.65 28.13 -19.02
C ILE B 22 6.03 27.65 -18.54
N TYR B 23 6.93 27.32 -19.48
CA TYR B 23 8.26 26.89 -19.08
C TYR B 23 9.06 28.04 -18.47
N ASP B 24 8.79 29.28 -18.87
CA ASP B 24 9.66 30.41 -18.57
C ASP B 24 9.39 31.07 -17.22
N VAL B 25 8.32 30.68 -16.52
CA VAL B 25 8.04 31.29 -15.23
C VAL B 25 9.22 31.06 -14.29
N SER B 26 9.41 32.00 -13.37
CA SER B 26 10.56 31.95 -12.49
C SER B 26 10.21 31.29 -11.17
N ASP B 27 11.25 30.98 -10.39
CA ASP B 27 11.04 30.54 -9.02
C ASP B 27 10.13 31.49 -8.26
N GLU B 28 10.31 32.80 -8.49
CA GLU B 28 9.50 33.80 -7.78
C GLU B 28 8.02 33.63 -8.09
N PHE B 29 7.68 33.37 -9.36
CA PHE B 29 6.30 33.11 -9.74
C PHE B 29 5.72 31.90 -8.99
N PHE B 30 6.45 30.79 -8.97
CA PHE B 30 5.99 29.65 -8.19
C PHE B 30 5.84 29.99 -6.72
N SER B 31 6.73 30.84 -6.19
CA SER B 31 6.62 31.19 -4.79
C SER B 31 5.35 31.97 -4.48
N LEU B 32 4.63 32.43 -5.50
CA LEU B 32 3.36 33.08 -5.27
C LEU B 32 2.27 32.11 -4.87
N PHE B 33 2.45 30.80 -5.07
CA PHE B 33 1.36 29.91 -4.69
C PHE B 33 1.79 28.59 -4.07
N LEU B 34 3.01 28.12 -4.28
CA LEU B 34 3.48 26.98 -3.51
C LEU B 34 3.69 27.41 -2.05
N ASP B 35 3.72 26.41 -1.16
CA ASP B 35 3.96 26.68 0.25
C ASP B 35 5.40 27.16 0.43
N PRO B 36 5.75 27.65 1.62
CA PRO B 36 7.11 28.17 1.83
C PRO B 36 8.24 27.19 1.55
N THR B 37 8.00 25.88 1.65
CA THR B 37 9.06 24.92 1.37
C THR B 37 9.21 24.65 -0.12
N MET B 38 8.34 25.22 -0.96
CA MET B 38 8.42 25.18 -2.42
C MET B 38 8.19 23.77 -2.97
N ALA B 39 7.41 22.96 -2.28
CA ALA B 39 7.07 21.65 -2.81
C ALA B 39 6.07 21.81 -3.95
N TYR B 40 6.33 21.16 -5.08
CA TYR B 40 5.40 21.17 -6.21
C TYR B 40 4.79 19.80 -6.45
N THR B 41 4.66 19.01 -5.38
CA THR B 41 4.12 17.65 -5.44
C THR B 41 3.00 17.51 -4.42
N CYS B 42 2.25 16.41 -4.55
CA CYS B 42 1.07 16.19 -3.73
C CYS B 42 1.42 16.22 -2.27
N ALA B 43 0.68 17.02 -1.49
CA ALA B 43 0.83 17.05 -0.03
C ALA B 43 0.05 15.91 0.62
N TYR B 44 0.25 15.74 1.93
CA TYR B 44 -0.34 14.63 2.67
C TYR B 44 -0.98 15.25 3.91
N PHE B 45 -2.31 15.41 3.88
CA PHE B 45 -3.04 16.00 5.00
C PHE B 45 -3.30 14.86 5.99
N GLU B 46 -2.22 14.46 6.64
CA GLU B 46 -2.27 13.40 7.64
C GLU B 46 -3.27 13.71 8.73
N ARG B 47 -3.37 14.99 9.11
CA ARG B 47 -4.48 15.52 9.89
C ARG B 47 -5.29 16.45 9.01
N GLU B 48 -6.61 16.43 9.16
CA GLU B 48 -7.44 17.17 8.23
C GLU B 48 -7.21 18.68 8.33
N ASP B 49 -6.81 19.19 9.50
CA ASP B 49 -6.63 20.63 9.66
C ASP B 49 -5.18 21.08 9.43
N MET B 50 -4.34 20.25 8.82
CA MET B 50 -2.98 20.68 8.53
C MET B 50 -2.99 21.82 7.50
N THR B 51 -2.10 22.80 7.71
CA THR B 51 -1.83 23.76 6.66
C THR B 51 -1.16 23.05 5.49
N LEU B 52 -1.08 23.75 4.35
CA LEU B 52 -0.39 23.15 3.20
C LEU B 52 1.06 22.86 3.52
N GLU B 53 1.75 23.76 4.22
CA GLU B 53 3.13 23.48 4.60
C GLU B 53 3.22 22.28 5.54
N GLU B 54 2.31 22.17 6.50
CA GLU B 54 2.35 21.02 7.40
C GLU B 54 2.13 19.74 6.62
N ALA B 55 1.24 19.78 5.64
CA ALA B 55 0.94 18.59 4.85
C ALA B 55 2.08 18.23 3.91
N GLN B 56 2.81 19.24 3.42
CA GLN B 56 3.96 18.95 2.58
C GLN B 56 5.06 18.26 3.39
N ASN B 57 5.36 18.80 4.57
CA ASN B 57 6.27 18.12 5.48
C ASN B 57 5.81 16.70 5.75
N ALA B 58 4.51 16.50 5.97
CA ALA B 58 4.01 15.16 6.30
C ALA B 58 4.18 14.21 5.12
N LYS B 59 4.05 14.74 3.89
CA LYS B 59 4.26 13.92 2.71
C LYS B 59 5.71 13.48 2.60
N PHE B 60 6.66 14.42 2.75
CA PHE B 60 8.07 14.03 2.79
C PHE B 60 8.34 13.05 3.94
N ASP B 61 7.83 13.34 5.15
CA ASP B 61 8.06 12.43 6.27
C ASP B 61 7.49 11.05 5.99
N LEU B 62 6.31 11.00 5.39
CA LEU B 62 5.69 9.72 5.03
C LEU B 62 6.59 8.94 4.10
N ALA B 63 7.09 9.60 3.06
CA ALA B 63 8.02 8.94 2.16
C ALA B 63 9.27 8.47 2.89
N LEU B 64 9.89 9.35 3.69
CA LEU B 64 11.15 8.98 4.33
C LEU B 64 10.97 7.86 5.34
N ASP B 65 9.86 7.86 6.06
CA ASP B 65 9.61 6.80 7.03
C ASP B 65 9.63 5.41 6.38
N LYS B 66 9.20 5.31 5.13
CA LYS B 66 9.13 4.01 4.46
C LYS B 66 10.49 3.46 4.09
N LEU B 67 11.54 4.27 4.16
CA LEU B 67 12.86 3.85 3.72
C LEU B 67 13.69 3.20 4.83
N HIS B 68 13.17 3.18 6.06
CA HIS B 68 13.85 2.51 7.17
C HIS B 68 15.29 2.98 7.26
N LEU B 69 15.46 4.30 7.23
CA LEU B 69 16.78 4.90 7.30
C LEU B 69 17.41 4.63 8.66
N GLU B 70 18.68 4.21 8.65
CA GLU B 70 19.41 4.04 9.90
C GLU B 70 20.57 5.02 9.93
N PRO B 71 21.02 5.43 11.13
CA PRO B 71 22.09 6.44 11.20
C PRO B 71 23.31 5.99 10.40
N GLY B 72 23.88 6.93 9.65
CA GLY B 72 25.06 6.65 8.87
C GLY B 72 24.79 6.21 7.45
N MET B 73 23.56 5.84 7.13
CA MET B 73 23.23 5.50 5.75
C MET B 73 23.36 6.73 4.86
N THR B 74 23.40 6.49 3.55
CA THR B 74 23.35 7.55 2.55
C THR B 74 22.04 7.45 1.79
N LEU B 75 21.31 8.57 1.74
CA LEU B 75 20.03 8.68 1.05
C LEU B 75 20.22 9.49 -0.23
N LEU B 76 19.74 8.96 -1.36
CA LEU B 76 19.72 9.70 -2.62
C LEU B 76 18.31 10.20 -2.93
N ASP B 77 18.18 11.50 -3.23
CA ASP B 77 16.93 12.08 -3.72
C ASP B 77 17.07 12.35 -5.21
N ILE B 78 16.35 11.57 -6.02
CA ILE B 78 16.40 11.70 -7.49
C ILE B 78 15.37 12.74 -7.90
N GLY B 79 15.84 13.93 -8.25
CA GLY B 79 14.95 15.00 -8.64
C GLY B 79 14.53 15.82 -7.44
N CYS B 80 15.51 16.41 -6.74
CA CYS B 80 15.27 16.95 -5.41
C CYS B 80 14.44 18.23 -5.40
N GLY B 81 14.04 18.77 -6.56
CA GLY B 81 13.18 19.96 -6.52
C GLY B 81 13.86 21.09 -5.76
N TRP B 82 13.04 21.91 -5.07
CA TRP B 82 13.60 23.02 -4.31
C TRP B 82 14.05 22.61 -2.91
N GLY B 83 14.24 21.31 -2.68
CA GLY B 83 15.03 20.83 -1.57
C GLY B 83 14.25 20.43 -0.34
N GLY B 84 12.92 20.51 -0.38
CA GLY B 84 12.14 20.29 0.81
C GLY B 84 12.27 18.89 1.35
N GLY B 85 12.41 17.89 0.47
CA GLY B 85 12.52 16.51 0.92
C GLY B 85 13.83 16.25 1.63
N LEU B 86 14.92 16.81 1.11
CA LEU B 86 16.20 16.62 1.76
C LEU B 86 16.31 17.47 3.02
N GLN B 87 15.61 18.60 3.09
CA GLN B 87 15.57 19.33 4.35
C GLN B 87 14.99 18.44 5.45
N ARG B 88 13.84 17.80 5.17
CA ARG B 88 13.24 16.91 6.17
C ARG B 88 14.18 15.78 6.53
N ALA B 89 14.86 15.21 5.52
CA ALA B 89 15.78 14.10 5.77
C ALA B 89 16.91 14.51 6.69
N ILE B 90 17.51 15.68 6.44
CA ILE B 90 18.64 16.12 7.25
C ILE B 90 18.19 16.44 8.66
N GLU B 91 17.03 17.07 8.79
CA GLU B 91 16.53 17.45 10.09
C GLU B 91 16.15 16.24 10.94
N ASN B 92 15.57 15.22 10.30
CA ASN B 92 14.92 14.18 11.10
C ASN B 92 15.70 12.87 11.16
N TYR B 93 16.73 12.72 10.35
CA TYR B 93 17.50 11.48 10.32
C TYR B 93 18.98 11.80 10.34
N ASP B 94 19.77 10.89 10.91
CA ASP B 94 21.21 11.06 10.97
C ASP B 94 21.87 10.33 9.81
N VAL B 95 21.59 10.83 8.60
CA VAL B 95 22.08 10.18 7.38
C VAL B 95 22.78 11.20 6.48
N ASN B 96 23.71 10.70 5.69
CA ASN B 96 24.26 11.47 4.59
C ASN B 96 23.22 11.59 3.49
N VAL B 97 23.22 12.71 2.77
CA VAL B 97 22.25 12.88 1.71
C VAL B 97 22.94 13.31 0.43
N ILE B 98 22.37 12.90 -0.70
CA ILE B 98 22.73 13.37 -2.03
C ILE B 98 21.44 13.72 -2.75
N GLY B 99 21.35 14.94 -3.27
CA GLY B 99 20.22 15.35 -4.10
C GLY B 99 20.69 15.67 -5.50
N ILE B 100 19.94 15.21 -6.50
CA ILE B 100 20.29 15.49 -7.89
C ILE B 100 19.09 16.10 -8.60
N THR B 101 19.37 17.04 -9.49
CA THR B 101 18.35 17.69 -10.31
C THR B 101 19.02 18.13 -11.59
N LEU B 102 18.24 18.29 -12.65
CA LEU B 102 18.75 18.89 -13.88
C LEU B 102 18.40 20.36 -14.00
N SER B 103 17.69 20.92 -13.02
CA SER B 103 17.31 22.32 -13.05
C SER B 103 18.37 23.16 -12.35
N ARG B 104 18.96 24.12 -13.07
CA ARG B 104 19.98 24.95 -12.45
C ARG B 104 19.40 25.79 -11.32
N ASN B 105 18.19 26.31 -11.51
CA ASN B 105 17.55 27.10 -10.45
C ASN B 105 17.35 26.26 -9.20
N GLN B 106 16.86 25.02 -9.38
CA GLN B 106 16.61 24.15 -8.23
C GLN B 106 17.91 23.65 -7.62
N PHE B 107 18.93 23.41 -8.44
CA PHE B 107 20.25 23.05 -7.94
C PHE B 107 20.77 24.10 -6.95
N GLU B 108 20.84 25.35 -7.40
CA GLU B 108 21.38 26.42 -6.58
C GLU B 108 20.50 26.70 -5.36
N TYR B 109 19.18 26.78 -5.55
CA TYR B 109 18.26 26.97 -4.42
C TYR B 109 18.43 25.85 -3.40
N SER B 110 18.40 24.59 -3.86
CA SER B 110 18.51 23.47 -2.92
C SER B 110 19.84 23.49 -2.20
N LYS B 111 20.93 23.79 -2.92
CA LYS B 111 22.23 23.75 -2.29
C LYS B 111 22.33 24.80 -1.18
N ALA B 112 21.81 26.00 -1.43
CA ALA B 112 21.86 27.06 -0.42
C ALA B 112 20.92 26.76 0.75
N LYS B 113 19.73 26.24 0.46
CA LYS B 113 18.79 25.87 1.52
C LYS B 113 19.42 24.86 2.45
N LEU B 114 19.99 23.80 1.90
CA LEU B 114 20.49 22.71 2.74
C LEU B 114 21.74 23.12 3.50
N ALA B 115 22.54 24.05 2.95
CA ALA B 115 23.77 24.47 3.60
C ALA B 115 23.52 25.15 4.94
N LYS B 116 22.30 25.64 5.17
CA LYS B 116 21.93 26.32 6.40
C LYS B 116 21.49 25.37 7.51
N ILE B 117 21.42 24.07 7.24
CA ILE B 117 20.88 23.11 8.19
C ILE B 117 22.04 22.45 8.92
N PRO B 118 22.08 22.50 10.26
CA PRO B 118 23.14 21.78 10.99
C PRO B 118 23.12 20.29 10.68
N THR B 119 24.31 19.69 10.58
CA THR B 119 24.37 18.27 10.30
C THR B 119 25.74 17.74 10.70
N GLU B 120 25.77 16.45 11.06
CA GLU B 120 27.00 15.73 11.33
C GLU B 120 27.30 14.71 10.23
N ARG B 121 26.70 14.89 9.05
CA ARG B 121 26.83 13.98 7.94
C ARG B 121 27.25 14.79 6.71
N SER B 122 27.45 14.07 5.62
CA SER B 122 27.76 14.71 4.34
C SER B 122 26.47 15.14 3.65
N VAL B 123 26.51 16.31 3.03
CA VAL B 123 25.37 16.83 2.26
C VAL B 123 25.89 17.26 0.90
N GLN B 124 25.32 16.72 -0.16
CA GLN B 124 25.74 16.99 -1.53
C GLN B 124 24.52 17.25 -2.40
N VAL B 125 24.53 18.34 -3.14
CA VAL B 125 23.55 18.58 -4.20
C VAL B 125 24.30 18.70 -5.51
N ARG B 126 23.78 18.06 -6.55
CA ARG B 126 24.47 17.98 -7.83
C ARG B 126 23.54 18.34 -8.98
N LEU B 127 24.11 18.95 -10.01
CA LEU B 127 23.39 19.17 -11.27
C LEU B 127 23.66 17.94 -12.15
N GLN B 128 22.81 16.92 -12.00
CA GLN B 128 23.11 15.61 -12.57
C GLN B 128 21.82 14.86 -12.86
N GLY B 129 21.81 14.10 -13.96
CA GLY B 129 20.68 13.23 -14.25
C GLY B 129 20.86 11.85 -13.65
N TRP B 130 19.74 11.14 -13.46
CA TRP B 130 19.82 9.80 -12.91
C TRP B 130 20.69 8.88 -13.77
N ASP B 131 20.64 9.04 -15.08
CA ASP B 131 21.40 8.13 -15.94
C ASP B 131 22.89 8.48 -15.99
N GLU B 132 23.32 9.47 -15.21
CA GLU B 132 24.73 9.73 -14.97
C GLU B 132 25.19 9.30 -13.59
N PHE B 133 24.27 8.94 -12.71
CA PHE B 133 24.60 8.69 -11.31
C PHE B 133 25.12 7.28 -11.14
N THR B 134 26.27 7.13 -10.46
CA THR B 134 26.84 5.81 -10.22
C THR B 134 27.22 5.52 -8.77
N ASP B 135 27.12 6.49 -7.85
CA ASP B 135 27.49 6.25 -6.47
C ASP B 135 26.63 5.15 -5.85
N LYS B 136 27.23 4.40 -4.93
CA LYS B 136 26.44 3.45 -4.15
C LYS B 136 25.74 4.20 -3.02
N VAL B 137 24.42 4.04 -2.94
CA VAL B 137 23.61 4.65 -1.90
C VAL B 137 22.79 3.56 -1.22
N ASP B 138 22.37 3.84 0.02
CA ASP B 138 21.62 2.85 0.80
C ASP B 138 20.12 2.89 0.54
N ARG B 139 19.59 4.07 0.25
CA ARG B 139 18.17 4.27 0.05
C ARG B 139 17.98 5.35 -1.01
N ILE B 140 16.87 5.25 -1.74
CA ILE B 140 16.51 6.19 -2.79
C ILE B 140 15.10 6.71 -2.55
N VAL B 141 14.92 8.02 -2.62
CA VAL B 141 13.60 8.61 -2.68
C VAL B 141 13.50 9.39 -3.97
N SER B 142 12.38 9.26 -4.68
CA SER B 142 12.12 10.08 -5.86
C SER B 142 10.66 10.54 -5.83
N ILE B 143 10.45 11.84 -5.59
CA ILE B 143 9.10 12.41 -5.44
C ILE B 143 8.86 13.40 -6.59
N GLY B 144 7.97 13.04 -7.51
CA GLY B 144 7.60 13.99 -8.55
C GLY B 144 8.62 14.21 -9.65
N ALA B 145 9.53 13.25 -9.84
CA ALA B 145 10.49 13.33 -10.94
C ALA B 145 10.13 12.39 -12.08
N PHE B 146 9.39 11.33 -11.76
CA PHE B 146 9.14 10.24 -12.70
C PHE B 146 8.23 10.67 -13.84
N GLU B 147 7.35 11.64 -13.61
CA GLU B 147 6.40 12.07 -14.63
C GLU B 147 7.12 12.61 -15.85
N ALA B 148 8.32 13.17 -15.69
CA ALA B 148 9.07 13.70 -16.83
C ALA B 148 9.85 12.63 -17.58
N PHE B 149 9.79 11.38 -17.14
CA PHE B 149 10.48 10.29 -17.83
C PHE B 149 9.63 9.78 -18.98
N LYS B 150 10.27 9.41 -20.08
CA LYS B 150 9.58 8.73 -21.15
C LYS B 150 9.55 7.24 -20.88
N MET B 151 8.46 6.58 -21.32
CA MET B 151 8.30 5.18 -21.00
C MET B 151 9.41 4.33 -21.57
N GLU B 152 10.01 4.76 -22.69
CA GLU B 152 11.14 4.05 -23.27
C GLU B 152 12.38 4.09 -22.38
N ARG B 153 12.35 4.85 -21.29
CA ARG B 153 13.47 4.87 -20.36
C ARG B 153 13.11 4.29 -18.99
N TYR B 154 11.90 3.76 -18.82
CA TYR B 154 11.52 3.20 -17.52
C TYR B 154 12.46 2.07 -17.12
N ALA B 155 12.84 1.22 -18.07
CA ALA B 155 13.64 0.05 -17.72
C ALA B 155 15.01 0.45 -17.19
N ALA B 156 15.69 1.35 -17.90
CA ALA B 156 17.00 1.81 -17.45
C ALA B 156 16.91 2.51 -16.10
N PHE B 157 15.80 3.19 -15.83
CA PHE B 157 15.66 3.88 -14.56
C PHE B 157 15.61 2.91 -13.41
N PHE B 158 14.76 1.89 -13.52
CA PHE B 158 14.65 0.90 -12.45
C PHE B 158 15.91 0.03 -12.37
N GLU B 159 16.56 -0.24 -13.50
CA GLU B 159 17.81 -0.99 -13.47
C GLU B 159 18.93 -0.17 -12.82
N ARG B 160 19.06 1.10 -13.21
CA ARG B 160 20.05 1.95 -12.54
C ARG B 160 19.76 2.01 -11.06
N SER B 161 18.49 2.20 -10.69
CA SER B 161 18.14 2.29 -9.28
C SER B 161 18.48 1.00 -8.55
N TYR B 162 18.18 -0.14 -9.18
CA TYR B 162 18.50 -1.43 -8.56
C TYR B 162 20.01 -1.57 -8.35
N ASP B 163 20.79 -1.22 -9.37
CA ASP B 163 22.23 -1.48 -9.31
C ASP B 163 22.93 -0.61 -8.27
N ILE B 164 22.45 0.62 -8.02
CA ILE B 164 23.15 1.49 -7.08
C ILE B 164 22.76 1.23 -5.64
N LEU B 165 21.77 0.30 -5.37
CA LEU B 165 21.27 -0.05 -4.05
C LEU B 165 21.97 -1.29 -3.49
N PRO B 166 22.11 -1.39 -2.18
CA PRO B 166 22.69 -2.57 -1.56
C PRO B 166 21.65 -3.68 -1.48
N ASP B 167 22.05 -4.80 -0.90
CA ASP B 167 21.17 -5.95 -0.86
C ASP B 167 19.92 -5.69 -0.01
N ASP B 168 20.02 -4.87 1.02
CA ASP B 168 18.87 -4.51 1.82
C ASP B 168 18.15 -3.25 1.30
N GLY B 169 18.48 -2.82 0.08
CA GLY B 169 18.08 -1.49 -0.37
C GLY B 169 16.58 -1.32 -0.45
N ARG B 170 16.13 -0.08 -0.26
CA ARG B 170 14.73 0.29 -0.39
C ARG B 170 14.64 1.58 -1.18
N MET B 171 13.56 1.73 -1.94
CA MET B 171 13.31 2.93 -2.72
C MET B 171 11.84 3.31 -2.66
N LEU B 172 11.58 4.61 -2.48
CA LEU B 172 10.22 5.14 -2.46
C LEU B 172 10.03 5.99 -3.71
N LEU B 173 9.21 5.48 -4.63
CA LEU B 173 8.89 6.17 -5.87
C LEU B 173 7.49 6.76 -5.74
N HIS B 174 7.41 8.08 -5.88
CA HIS B 174 6.17 8.83 -5.77
C HIS B 174 5.92 9.50 -7.12
N THR B 175 4.79 9.17 -7.74
CA THR B 175 4.51 9.73 -9.05
C THR B 175 3.01 9.83 -9.31
N ILE B 176 2.62 10.85 -10.10
CA ILE B 176 1.27 10.91 -10.60
C ILE B 176 1.03 9.68 -11.47
N LEU B 177 -0.20 9.17 -11.44
CA LEU B 177 -0.60 7.99 -12.17
C LEU B 177 -1.83 8.27 -13.01
N THR B 178 -1.99 7.51 -14.10
CA THR B 178 -3.18 7.62 -14.92
C THR B 178 -3.91 6.28 -14.91
N TYR B 179 -5.08 6.26 -15.54
CA TYR B 179 -5.92 5.08 -15.58
C TYR B 179 -6.16 4.68 -17.04
N THR B 180 -6.43 3.40 -17.26
CA THR B 180 -6.89 2.98 -18.58
C THR B 180 -8.38 3.24 -18.70
N GLN B 181 -8.88 3.24 -19.94
CA GLN B 181 -10.29 3.51 -20.14
C GLN B 181 -11.16 2.53 -19.37
N LYS B 182 -10.76 1.26 -19.34
CA LYS B 182 -11.61 0.26 -18.68
C LYS B 182 -11.67 0.52 -17.18
N GLN B 183 -10.55 0.94 -16.60
CA GLN B 183 -10.50 1.17 -15.15
C GLN B 183 -11.39 2.33 -14.75
N MET B 184 -11.40 3.42 -15.52
CA MET B 184 -12.28 4.52 -15.17
C MET B 184 -13.73 4.11 -15.28
N HIS B 185 -14.07 3.30 -16.28
CA HIS B 185 -15.41 2.70 -16.30
C HIS B 185 -15.63 1.85 -15.06
N GLU B 186 -14.61 1.09 -14.66
CA GLU B 186 -14.74 0.22 -13.48
C GLU B 186 -14.97 1.03 -12.21
N MET B 187 -14.36 2.21 -12.11
CA MET B 187 -14.55 3.09 -10.96
C MET B 187 -15.74 4.02 -11.11
N GLY B 188 -16.49 3.92 -12.20
CA GLY B 188 -17.61 4.82 -12.43
C GLY B 188 -17.20 6.24 -12.74
N VAL B 189 -16.01 6.43 -13.30
CA VAL B 189 -15.52 7.75 -13.68
C VAL B 189 -15.95 8.06 -15.11
N LYS B 190 -16.77 9.09 -15.29
CA LYS B 190 -17.26 9.47 -16.61
C LYS B 190 -16.41 10.62 -17.14
N VAL B 191 -15.77 10.42 -18.28
CA VAL B 191 -14.94 11.42 -18.91
C VAL B 191 -15.82 12.21 -19.88
N THR B 192 -16.07 13.48 -19.55
CA THR B 192 -16.88 14.34 -20.40
C THR B 192 -16.07 14.80 -21.61
N MET B 193 -16.74 15.44 -22.57
CA MET B 193 -16.00 16.05 -23.67
C MET B 193 -15.12 17.19 -23.21
N SER B 194 -15.54 17.95 -22.18
CA SER B 194 -14.68 19.02 -21.68
C SER B 194 -13.44 18.47 -21.02
N ASP B 195 -13.53 17.31 -20.37
CA ASP B 195 -12.34 16.63 -19.86
C ASP B 195 -11.38 16.31 -20.99
N VAL B 196 -11.90 15.84 -22.12
CA VAL B 196 -11.07 15.51 -23.26
C VAL B 196 -10.26 16.73 -23.72
N ARG B 197 -10.92 17.88 -23.86
CA ARG B 197 -10.18 19.03 -24.34
C ARG B 197 -9.27 19.62 -23.28
N PHE B 198 -9.45 19.26 -22.01
CA PHE B 198 -8.44 19.62 -21.02
C PHE B 198 -7.22 18.72 -21.14
N MET B 199 -7.44 17.44 -21.48
CA MET B 199 -6.31 16.57 -21.78
C MET B 199 -5.52 17.09 -22.96
N LYS B 200 -6.21 17.68 -23.95
CA LYS B 200 -5.52 18.26 -25.09
C LYS B 200 -4.75 19.53 -24.70
N PHE B 201 -5.37 20.39 -23.87
CA PHE B 201 -4.68 21.58 -23.39
C PHE B 201 -3.37 21.23 -22.68
N ILE B 202 -3.41 20.20 -21.83
CA ILE B 202 -2.20 19.66 -21.22
C ILE B 202 -1.21 19.22 -22.30
N GLY B 203 -1.68 18.42 -23.26
CA GLY B 203 -0.82 17.95 -24.33
C GLY B 203 -0.25 19.04 -25.21
N GLU B 204 -0.75 20.27 -25.10
CA GLU B 204 -0.31 21.39 -25.93
C GLU B 204 0.59 22.37 -25.19
N GLU B 205 0.16 22.87 -24.04
CA GLU B 205 0.85 23.96 -23.35
C GLU B 205 1.66 23.50 -22.14
N ILE B 206 1.49 22.26 -21.68
CA ILE B 206 2.10 21.86 -20.42
C ILE B 206 3.09 20.71 -20.61
N PHE B 207 2.62 19.61 -21.18
CA PHE B 207 3.37 18.36 -21.22
C PHE B 207 3.43 17.81 -22.65
N PRO B 208 3.98 18.58 -23.61
CA PRO B 208 3.95 18.13 -25.00
C PRO B 208 4.68 16.82 -25.18
N GLY B 209 3.96 15.81 -25.64
CA GLY B 209 4.51 14.49 -25.83
C GLY B 209 4.72 13.70 -24.56
N GLY B 210 4.26 14.20 -23.42
CA GLY B 210 4.53 13.52 -22.17
C GLY B 210 3.78 12.22 -22.02
N GLN B 211 4.35 11.33 -21.22
CA GLN B 211 3.74 10.06 -20.86
C GLN B 211 3.63 10.00 -19.34
N LEU B 212 2.47 9.56 -18.85
CA LEU B 212 2.28 9.23 -17.44
C LEU B 212 2.13 7.74 -17.29
N PRO B 213 2.61 7.17 -16.18
CA PRO B 213 2.44 5.74 -15.94
C PRO B 213 1.09 5.42 -15.33
N ALA B 214 0.69 4.17 -15.55
CA ALA B 214 -0.40 3.57 -14.79
C ALA B 214 0.21 2.80 -13.62
N GLN B 215 -0.60 2.59 -12.59
CA GLN B 215 -0.14 1.80 -11.45
C GLN B 215 0.53 0.51 -11.91
N GLU B 216 -0.11 -0.20 -12.83
CA GLU B 216 0.43 -1.48 -13.27
C GLU B 216 1.75 -1.33 -14.00
N ASP B 217 1.99 -0.16 -14.62
CA ASP B 217 3.26 0.07 -15.29
C ASP B 217 4.40 0.07 -14.27
N ILE B 218 4.17 0.66 -13.11
CA ILE B 218 5.21 0.67 -12.09
C ILE B 218 5.49 -0.76 -11.63
N PHE B 219 4.43 -1.52 -11.36
CA PHE B 219 4.60 -2.92 -10.96
C PHE B 219 5.39 -3.69 -12.01
N LYS B 220 5.02 -3.53 -13.28
CA LYS B 220 5.66 -4.31 -14.34
C LYS B 220 7.13 -3.99 -14.47
N PHE B 221 7.47 -2.70 -14.54
CA PHE B 221 8.85 -2.31 -14.81
C PHE B 221 9.74 -2.45 -13.57
N ALA B 222 9.20 -2.17 -12.38
CA ALA B 222 9.98 -2.37 -11.17
C ALA B 222 10.33 -3.85 -10.99
N GLN B 223 9.32 -4.72 -11.11
CA GLN B 223 9.54 -6.14 -10.88
C GLN B 223 10.42 -6.75 -11.96
N ALA B 224 10.34 -6.23 -13.19
CA ALA B 224 11.25 -6.70 -14.23
C ALA B 224 12.69 -6.37 -13.88
N ALA B 225 12.92 -5.33 -13.08
CA ALA B 225 14.24 -4.98 -12.58
C ALA B 225 14.58 -5.68 -11.26
N ASP B 226 13.78 -6.64 -10.82
CA ASP B 226 13.99 -7.47 -9.63
C ASP B 226 13.62 -6.74 -8.35
N PHE B 227 12.97 -5.58 -8.41
CA PHE B 227 12.36 -5.02 -7.22
C PHE B 227 11.12 -5.80 -6.82
N SER B 228 10.84 -5.84 -5.52
CA SER B 228 9.53 -6.22 -5.00
C SER B 228 8.76 -4.96 -4.65
N VAL B 229 7.46 -4.96 -4.97
CA VAL B 229 6.59 -3.85 -4.59
C VAL B 229 5.96 -4.22 -3.26
N GLU B 230 6.41 -3.60 -2.19
CA GLU B 230 5.85 -3.91 -0.88
C GLU B 230 4.63 -3.09 -0.55
N LYS B 231 4.44 -1.93 -1.18
CA LYS B 231 3.32 -1.11 -0.76
C LYS B 231 3.03 -0.10 -1.85
N VAL B 232 1.75 0.12 -2.10
CA VAL B 232 1.32 1.25 -2.92
C VAL B 232 0.35 2.06 -2.10
N GLN B 233 0.65 3.34 -1.93
CA GLN B 233 -0.23 4.24 -1.17
C GLN B 233 -0.71 5.34 -2.11
N LEU B 234 -2.02 5.50 -2.20
CA LEU B 234 -2.66 6.40 -3.16
C LEU B 234 -3.22 7.63 -2.45
N LEU B 235 -2.88 8.81 -2.96
CA LEU B 235 -3.22 10.05 -2.27
C LEU B 235 -4.12 10.95 -3.11
N GLN B 236 -5.02 10.34 -3.90
CA GLN B 236 -5.84 11.05 -4.86
C GLN B 236 -6.47 12.33 -4.29
N GLN B 237 -7.22 12.20 -3.20
CA GLN B 237 -7.95 13.36 -2.70
C GLN B 237 -7.04 14.36 -1.99
N HIS B 238 -5.84 13.94 -1.59
CA HIS B 238 -4.88 14.91 -1.07
C HIS B 238 -4.37 15.81 -2.19
N TYR B 239 -4.27 15.28 -3.42
CA TYR B 239 -3.81 16.13 -4.51
C TYR B 239 -4.88 17.12 -4.90
N ALA B 240 -6.15 16.69 -4.87
CA ALA B 240 -7.24 17.62 -5.13
C ALA B 240 -7.15 18.81 -4.19
N ARG B 241 -6.92 18.54 -2.90
CA ARG B 241 -6.83 19.61 -1.91
C ARG B 241 -5.56 20.43 -2.10
N THR B 242 -4.43 19.75 -2.37
CA THR B 242 -3.19 20.46 -2.69
C THR B 242 -3.41 21.45 -3.83
N LEU B 243 -4.07 21.00 -4.90
CA LEU B 243 -4.28 21.89 -6.04
C LEU B 243 -5.28 23.00 -5.70
N ASN B 244 -6.27 22.70 -4.88
CA ASN B 244 -7.23 23.72 -4.47
C ASN B 244 -6.53 24.87 -3.76
N ILE B 245 -5.55 24.55 -2.92
CA ILE B 245 -4.87 25.59 -2.15
C ILE B 245 -3.94 26.38 -3.05
N TRP B 246 -3.18 25.70 -3.90
CA TRP B 246 -2.30 26.38 -4.85
C TRP B 246 -3.08 27.39 -5.67
N ALA B 247 -4.21 26.97 -6.23
CA ALA B 247 -5.03 27.86 -7.02
C ALA B 247 -5.51 29.05 -6.18
N ALA B 248 -5.90 28.80 -4.94
CA ALA B 248 -6.40 29.90 -4.11
C ALA B 248 -5.30 30.87 -3.78
N ASN B 249 -4.07 30.36 -3.59
CA ASN B 249 -2.93 31.24 -3.35
C ASN B 249 -2.62 32.08 -4.58
N LEU B 250 -2.53 31.43 -5.75
CA LEU B 250 -2.21 32.15 -6.97
C LEU B 250 -3.21 33.26 -7.24
N GLU B 251 -4.49 32.98 -7.02
CA GLU B 251 -5.51 33.99 -7.26
C GLU B 251 -5.39 35.14 -6.28
N ALA B 252 -5.07 34.83 -5.02
CA ALA B 252 -4.82 35.87 -4.04
C ALA B 252 -3.65 36.76 -4.45
N ASN B 253 -2.69 36.21 -5.19
CA ASN B 253 -1.53 36.93 -5.68
C ASN B 253 -1.63 37.26 -7.16
N LYS B 254 -2.85 37.45 -7.66
CA LYS B 254 -3.06 37.59 -9.11
C LYS B 254 -2.32 38.80 -9.66
N ASP B 255 -2.42 39.96 -8.99
CA ASP B 255 -1.78 41.17 -9.51
C ASP B 255 -0.27 41.00 -9.63
N ARG B 256 0.36 40.38 -8.61
CA ARG B 256 1.80 40.15 -8.66
C ARG B 256 2.15 39.13 -9.74
N ALA B 257 1.34 38.09 -9.88
CA ALA B 257 1.59 37.09 -10.91
C ALA B 257 1.54 37.70 -12.29
N ILE B 258 0.59 38.62 -12.52
CA ILE B 258 0.48 39.30 -13.80
C ILE B 258 1.66 40.25 -14.02
N ALA B 259 2.14 40.89 -12.94
CA ALA B 259 3.27 41.80 -13.06
C ALA B 259 4.57 41.05 -13.37
N LEU B 260 4.74 39.86 -12.79
CA LEU B 260 5.91 39.03 -13.09
C LEU B 260 5.84 38.45 -14.49
N GLN B 261 4.65 37.98 -14.90
CA GLN B 261 4.50 37.28 -16.16
C GLN B 261 3.48 38.05 -16.98
N SER B 262 2.25 37.57 -17.09
CA SER B 262 1.24 38.24 -17.88
C SER B 262 -0.12 37.74 -17.45
N GLU B 263 -1.16 38.41 -17.95
CA GLU B 263 -2.51 37.90 -17.74
C GLU B 263 -2.69 36.58 -18.48
N GLU B 264 -1.93 36.37 -19.55
CA GLU B 264 -2.00 35.12 -20.30
C GLU B 264 -1.45 33.95 -19.49
N ILE B 265 -0.27 34.12 -18.89
CA ILE B 265 0.33 33.07 -18.10
C ILE B 265 -0.46 32.83 -16.82
N TYR B 266 -0.86 33.91 -16.14
CA TYR B 266 -1.72 33.77 -14.98
C TYR B 266 -2.97 32.98 -15.30
N ASN B 267 -3.71 33.41 -16.33
CA ASN B 267 -4.94 32.74 -16.69
C ASN B 267 -4.68 31.27 -17.02
N LYS B 268 -3.59 30.99 -17.74
CA LYS B 268 -3.30 29.60 -18.11
C LYS B 268 -3.04 28.76 -16.86
N TYR B 269 -2.28 29.30 -15.91
CA TYR B 269 -1.97 28.54 -14.71
C TYR B 269 -3.22 28.24 -13.89
N MET B 270 -4.11 29.22 -13.76
CA MET B 270 -5.34 29.01 -12.99
C MET B 270 -6.19 27.92 -13.63
N HIS B 271 -6.32 27.97 -14.96
CA HIS B 271 -7.01 26.89 -15.68
C HIS B 271 -6.32 25.56 -15.42
N TYR B 272 -4.99 25.54 -15.49
CA TYR B 272 -4.26 24.29 -15.33
C TYR B 272 -4.40 23.72 -13.93
N LEU B 273 -4.31 24.58 -12.91
CA LEU B 273 -4.45 24.12 -11.54
C LEU B 273 -5.86 23.60 -11.27
N THR B 274 -6.89 24.36 -11.66
CA THR B 274 -8.24 23.99 -11.29
C THR B 274 -8.76 22.82 -12.12
N GLY B 275 -8.33 22.71 -13.37
CA GLY B 275 -8.67 21.53 -14.15
C GLY B 275 -8.04 20.27 -13.58
N CYS B 276 -6.78 20.36 -13.17
CA CYS B 276 -6.14 19.23 -12.51
C CYS B 276 -6.82 18.90 -11.20
N GLU B 277 -7.17 19.92 -10.41
CA GLU B 277 -7.96 19.68 -9.21
C GLU B 277 -9.22 18.88 -9.51
N HIS B 278 -9.94 19.28 -10.56
CA HIS B 278 -11.15 18.59 -10.97
C HIS B 278 -10.86 17.14 -11.33
N PHE B 279 -9.76 16.91 -12.07
CA PHE B 279 -9.40 15.56 -12.48
C PHE B 279 -9.14 14.66 -11.28
N PHE B 280 -8.34 15.12 -10.32
CA PHE B 280 -8.13 14.31 -9.13
C PHE B 280 -9.44 14.13 -8.37
N ARG B 281 -10.23 15.20 -8.26
CA ARG B 281 -11.42 15.14 -7.43
C ARG B 281 -12.42 14.12 -7.98
N LYS B 282 -12.70 14.17 -9.28
CA LYS B 282 -13.69 13.26 -9.84
C LYS B 282 -13.13 11.86 -10.11
N GLY B 283 -11.83 11.64 -9.94
CA GLY B 283 -11.27 10.31 -10.07
C GLY B 283 -10.61 9.97 -11.40
N ILE B 284 -10.32 10.95 -12.26
CA ILE B 284 -9.61 10.65 -13.50
C ILE B 284 -8.13 10.40 -13.25
N SER B 285 -7.55 11.06 -12.26
CA SER B 285 -6.13 10.98 -11.99
C SER B 285 -5.91 10.40 -10.59
N ASN B 286 -4.70 9.90 -10.34
CA ASN B 286 -4.29 9.51 -9.01
C ASN B 286 -2.80 9.79 -8.85
N VAL B 287 -2.29 9.50 -7.66
CA VAL B 287 -0.88 9.71 -7.36
C VAL B 287 -0.50 8.66 -6.33
N GLY B 288 0.58 7.94 -6.57
CA GLY B 288 0.95 6.82 -5.72
C GLY B 288 2.37 6.91 -5.19
N GLN B 289 2.54 6.50 -3.94
CA GLN B 289 3.87 6.24 -3.38
C GLN B 289 4.10 4.73 -3.42
N PHE B 290 5.11 4.31 -4.16
CA PHE B 290 5.46 2.91 -4.31
C PHE B 290 6.69 2.57 -3.48
N THR B 291 6.54 1.66 -2.51
CA THR B 291 7.70 1.17 -1.78
C THR B 291 8.30 -0.02 -2.53
N LEU B 292 9.58 0.09 -2.91
CA LEU B 292 10.25 -0.93 -3.69
C LEU B 292 11.43 -1.48 -2.90
N THR B 293 11.58 -2.80 -2.86
CA THR B 293 12.64 -3.39 -2.07
C THR B 293 13.45 -4.36 -2.91
N LYS B 294 14.66 -4.59 -2.44
CA LYS B 294 15.62 -5.40 -3.17
C LYS B 294 15.95 -6.63 -2.35
C10 FD7 C . -2.71 -21.38 5.27
C12 FD7 C . -4.81 -20.16 5.36
C14 FD7 C . -6.63 -18.56 5.30
C16 FD7 C . -8.98 -19.33 5.34
C17 FD7 C . -9.44 -19.18 3.94
C01 FD7 C . -1.01 -20.36 2.18
C02 FD7 C . -2.30 -20.71 2.86
C03 FD7 C . -2.15 -21.67 4.02
C04 FD7 C . -1.46 -22.86 3.87
C05 FD7 C . -1.33 -23.75 4.93
C06 FD7 C . -1.89 -23.45 6.16
C07 FD7 C . -2.60 -22.26 6.36
C08 FD7 C . -3.23 -21.95 7.69
C09 FD7 C . -2.88 -22.91 8.80
N11 FD7 C . -3.44 -20.18 5.44
N13 FD7 C . -5.33 -18.87 5.36
N15 FD7 C . -7.53 -19.56 5.39
N18 FD7 C . -6.90 -17.29 5.17
O19 FD7 C . -5.51 -21.17 5.27
N NO3 D . -4.02 -14.93 4.80
O1 NO3 D . -4.94 -14.20 4.29
O2 NO3 D . -3.01 -14.39 5.33
O3 NO3 D . -4.15 -16.21 4.75
C1 EDO E . 10.31 -12.04 6.55
O1 EDO E . 11.56 -12.03 7.23
C2 EDO E . 10.50 -11.48 5.15
O2 EDO E . 11.06 -10.18 5.25
MG MG F . -9.86 -13.38 10.39
CL CL G . -6.05 -15.43 11.91
C10 FD7 H . 1.41 20.20 -10.65
C12 FD7 H . 3.43 18.87 -10.83
C14 FD7 H . 5.28 17.27 -10.82
C16 FD7 H . 7.28 17.64 -12.24
C17 FD7 H . 7.31 16.42 -13.13
C01 FD7 H . -1.16 17.80 -10.97
C02 FD7 H . 0.00 18.39 -11.79
C03 FD7 H . 0.31 19.84 -11.44
C04 FD7 H . -0.53 20.86 -11.89
C05 FD7 H . -0.28 22.18 -11.58
C06 FD7 H . 0.82 22.51 -10.80
C07 FD7 H . 1.68 21.53 -10.32
C08 FD7 H . 2.87 21.91 -9.47
C09 FD7 H . 3.05 23.39 -9.29
N11 FD7 H . 2.28 19.18 -10.17
N13 FD7 H . 4.13 17.77 -10.32
N15 FD7 H . 5.93 17.97 -11.80
N18 FD7 H . 5.67 16.13 -10.34
O19 FD7 H . 3.87 19.50 -11.81
N NO3 I . 3.47 14.59 -7.77
O1 NO3 I . 2.98 14.75 -6.60
O2 NO3 I . 4.21 13.60 -8.06
O3 NO3 I . 3.21 15.46 -8.64
C1 EDO J . -7.62 14.32 1.90
O1 EDO J . -9.03 14.14 1.98
C2 EDO J . -7.30 15.80 1.96
O2 EDO J . -7.83 16.34 3.18
MG MG K . 11.29 15.50 -5.86
CL CL L . 8.50 18.70 -4.36
C1 EDO M . 9.76 21.69 -12.28
O1 EDO M . 10.68 20.84 -11.56
C2 EDO M . 8.95 22.50 -11.29
O2 EDO M . 7.56 22.51 -11.66
#